data_1UAZ
#
_entry.id   1UAZ
#
_cell.length_a   128.100
_cell.length_b   128.100
_cell.length_c   117.600
_cell.angle_alpha   90.00
_cell.angle_beta   90.00
_cell.angle_gamma   90.00
#
_symmetry.space_group_name_H-M   'P 43 21 2'
#
loop_
_entity.id
_entity.type
_entity.pdbx_description
1 polymer archaerhodopsin-1
2 non-polymer RETINAL
#
_entity_poly.entity_id   1
_entity_poly.type   'polypeptide(L)'
_entity_poly.pdbx_seq_one_letter_code
;TAAVGADLLGDGRPETLWLGIGTLLMLIGTFYFIVKGWGVTDKEAREYYSITILVPGIASAAYLSMFFGIGLTEVQVGSE
MLDIYYARYADWLFTTPLLLLDLALLAKVDRVSIGTLVGVDALMIVTGLVGALSHTPLARYTWWLFSTICMIVVLYFLAT
SLRAAAKERGPEVASTFNTLTALVLVLWTAYPILWIIGTEGAGVVGLGIETLLFMVLDVTAKVGFGFILLRSRAILGDTE
APEPSAGAEASAAD
;
_entity_poly.pdbx_strand_id   A,B
#
loop_
_chem_comp.id
_chem_comp.type
_chem_comp.name
_chem_comp.formula
RET non-polymer RETINAL 'C20 H28 O'
#
# COMPACT_ATOMS: atom_id res chain seq x y z
N THR A 1 -10.70 -8.49 7.44
CA THR A 1 -9.42 -7.76 7.16
C THR A 1 -9.65 -6.68 6.09
N ALA A 2 -10.83 -6.04 6.11
CA ALA A 2 -11.19 -4.98 5.15
C ALA A 2 -11.29 -3.60 5.82
N ALA A 3 -10.91 -2.55 5.09
CA ALA A 3 -10.88 -1.19 5.64
C ALA A 3 -12.13 -0.31 5.48
N VAL A 4 -12.40 0.45 6.54
CA VAL A 4 -13.53 1.37 6.61
C VAL A 4 -13.18 2.70 5.95
N GLY A 5 -14.21 3.46 5.60
CA GLY A 5 -13.99 4.73 4.94
C GLY A 5 -14.44 4.60 3.51
N ALA A 6 -13.83 5.37 2.62
CA ALA A 6 -14.19 5.32 1.23
C ALA A 6 -13.17 6.07 0.41
N ASP A 7 -12.98 5.65 -0.83
CA ASP A 7 -12.01 6.27 -1.73
C ASP A 7 -12.64 7.48 -2.45
N LEU A 8 -13.01 8.50 -1.68
CA LEU A 8 -13.64 9.70 -2.23
C LEU A 8 -12.92 10.36 -3.39
N LEU A 9 -11.72 9.88 -3.73
CA LEU A 9 -10.99 10.45 -4.84
C LEU A 9 -10.68 9.42 -5.91
N GLY A 10 -10.82 8.15 -5.55
CA GLY A 10 -10.54 7.08 -6.49
C GLY A 10 -9.04 6.92 -6.68
N ASP A 11 -8.30 7.25 -5.62
CA ASP A 11 -6.85 7.16 -5.67
C ASP A 11 -6.26 6.08 -4.74
N GLY A 12 -7.07 5.03 -4.51
CA GLY A 12 -6.64 3.91 -3.68
C GLY A 12 -6.49 4.25 -2.21
N ARG A 13 -7.05 5.37 -1.81
CA ARG A 13 -6.99 5.84 -0.42
C ARG A 13 -8.39 6.04 0.16
N PRO A 14 -8.87 5.06 0.93
CA PRO A 14 -10.19 5.15 1.53
C PRO A 14 -10.19 5.97 2.84
N GLU A 15 -9.01 6.41 3.27
CA GLU A 15 -8.92 7.19 4.49
C GLU A 15 -9.36 8.62 4.17
N THR A 16 -9.41 8.96 2.88
CA THR A 16 -9.83 10.29 2.51
C THR A 16 -11.17 10.63 3.10
N LEU A 17 -12.03 9.65 3.33
CA LEU A 17 -13.33 9.94 3.90
C LEU A 17 -13.15 10.64 5.26
N TRP A 18 -12.45 9.97 6.15
CA TRP A 18 -12.19 10.50 7.47
C TRP A 18 -11.43 11.82 7.36
N LEU A 19 -10.47 11.88 6.46
CA LEU A 19 -9.71 13.11 6.24
C LEU A 19 -10.70 14.17 5.80
N GLY A 20 -11.75 13.73 5.13
CA GLY A 20 -12.78 14.63 4.68
C GLY A 20 -13.48 15.17 5.91
N ILE A 21 -14.34 14.36 6.53
CA ILE A 21 -15.08 14.77 7.73
C ILE A 21 -14.23 15.58 8.71
N GLY A 22 -12.93 15.29 8.74
CA GLY A 22 -12.04 16.03 9.64
C GLY A 22 -11.96 17.49 9.26
N THR A 23 -11.77 17.75 7.97
CA THR A 23 -11.68 19.12 7.49
C THR A 23 -13.04 19.78 7.65
N LEU A 24 -14.08 19.01 7.36
CA LEU A 24 -15.42 19.52 7.48
C LEU A 24 -15.64 19.92 8.93
N LEU A 25 -15.21 19.04 9.84
CA LEU A 25 -15.38 19.30 11.26
C LEU A 25 -14.42 20.35 11.82
N MET A 26 -13.17 20.29 11.39
CA MET A 26 -12.18 21.22 11.87
C MET A 26 -12.58 22.64 11.50
N LEU A 27 -13.03 22.85 10.26
CA LEU A 27 -13.47 24.17 9.86
C LEU A 27 -14.69 24.56 10.70
N ILE A 28 -15.72 23.72 10.71
CA ILE A 28 -16.94 23.99 11.46
C ILE A 28 -16.67 24.50 12.87
N GLY A 29 -15.59 24.02 13.47
CA GLY A 29 -15.25 24.44 14.81
C GLY A 29 -14.48 25.73 14.74
N THR A 30 -13.55 25.78 13.81
CA THR A 30 -12.72 26.95 13.62
C THR A 30 -13.59 28.18 13.50
N PHE A 31 -14.41 28.23 12.45
CA PHE A 31 -15.27 29.38 12.21
C PHE A 31 -16.22 29.59 13.35
N TYR A 32 -16.70 28.51 13.93
CA TYR A 32 -17.58 28.63 15.05
C TYR A 32 -16.92 29.60 16.02
N PHE A 33 -15.66 29.33 16.35
CA PHE A 33 -14.92 30.18 17.26
C PHE A 33 -14.84 31.60 16.76
N ILE A 34 -14.74 31.78 15.44
CA ILE A 34 -14.66 33.12 14.85
C ILE A 34 -15.99 33.85 15.03
N VAL A 35 -17.07 33.21 14.59
CA VAL A 35 -18.37 33.81 14.72
C VAL A 35 -18.70 34.11 16.18
N LYS A 36 -18.25 33.28 17.11
CA LYS A 36 -18.54 33.53 18.52
C LYS A 36 -17.46 34.44 19.11
N GLY A 37 -16.38 34.59 18.36
CA GLY A 37 -15.26 35.41 18.80
C GLY A 37 -15.46 36.90 18.76
N TRP A 38 -15.86 37.44 17.61
CA TRP A 38 -16.09 38.88 17.51
C TRP A 38 -17.24 39.15 18.47
N GLY A 39 -17.31 40.36 18.98
CA GLY A 39 -18.37 40.68 19.91
C GLY A 39 -17.81 40.68 21.32
N VAL A 40 -16.53 40.32 21.43
CA VAL A 40 -15.86 40.30 22.72
C VAL A 40 -15.25 41.67 22.99
N THR A 41 -15.93 42.45 23.82
CA THR A 41 -15.51 43.79 24.19
C THR A 41 -14.28 43.70 25.09
N ASP A 42 -14.00 42.49 25.58
CA ASP A 42 -12.88 42.26 26.47
C ASP A 42 -11.56 42.17 25.70
N LYS A 43 -10.44 42.08 26.42
CA LYS A 43 -9.14 42.00 25.77
C LYS A 43 -8.29 40.83 26.27
N GLU A 44 -8.80 40.14 27.29
CA GLU A 44 -8.12 38.98 27.84
C GLU A 44 -8.58 37.82 26.98
N ALA A 45 -9.86 37.53 27.08
CA ALA A 45 -10.47 36.47 26.32
C ALA A 45 -10.17 36.63 24.83
N ARG A 46 -10.21 37.86 24.33
CA ARG A 46 -9.95 38.07 22.91
C ARG A 46 -8.57 37.53 22.61
N GLU A 47 -7.72 37.44 23.62
CA GLU A 47 -6.39 36.93 23.42
C GLU A 47 -6.45 35.40 23.34
N TYR A 48 -7.46 34.82 23.98
CA TYR A 48 -7.63 33.38 23.98
C TYR A 48 -8.17 32.93 22.63
N TYR A 49 -9.27 33.54 22.20
CA TYR A 49 -9.83 33.20 20.91
C TYR A 49 -8.75 33.24 19.84
N SER A 50 -8.02 34.35 19.76
CA SER A 50 -6.96 34.48 18.77
C SER A 50 -6.13 33.20 18.72
N ILE A 51 -5.77 32.71 19.89
CA ILE A 51 -4.96 31.51 20.00
C ILE A 51 -5.79 30.31 19.60
N THR A 52 -6.77 29.99 20.44
CA THR A 52 -7.64 28.85 20.22
C THR A 52 -8.23 28.72 18.82
N ILE A 53 -8.38 29.83 18.12
CA ILE A 53 -8.94 29.79 16.78
C ILE A 53 -7.96 29.26 15.76
N LEU A 54 -6.68 29.49 15.96
CA LEU A 54 -5.68 29.00 15.03
C LEU A 54 -5.54 27.47 15.11
N VAL A 55 -5.97 26.89 16.22
CA VAL A 55 -5.85 25.45 16.37
C VAL A 55 -6.60 24.73 15.26
N PRO A 56 -7.95 24.69 15.34
CA PRO A 56 -8.75 23.96 14.33
C PRO A 56 -8.60 24.64 12.98
N GLY A 57 -7.84 25.72 12.94
CA GLY A 57 -7.63 26.42 11.70
C GLY A 57 -6.52 25.70 10.99
N ILE A 58 -5.33 25.79 11.57
CA ILE A 58 -4.13 25.14 11.04
C ILE A 58 -4.41 23.67 10.75
N ALA A 59 -5.26 23.06 11.56
CA ALA A 59 -5.63 21.66 11.37
C ALA A 59 -6.48 21.55 10.09
N SER A 60 -7.51 22.40 9.98
CA SER A 60 -8.38 22.39 8.80
C SER A 60 -7.49 22.41 7.56
N ALA A 61 -6.47 23.24 7.64
CA ALA A 61 -5.52 23.38 6.55
C ALA A 61 -4.95 22.02 6.29
N ALA A 62 -4.30 21.47 7.32
CA ALA A 62 -3.68 20.17 7.23
C ALA A 62 -4.59 19.06 6.68
N TYR A 63 -5.74 18.85 7.31
CA TYR A 63 -6.65 17.80 6.84
C TYR A 63 -6.95 17.97 5.37
N LEU A 64 -7.21 19.21 4.97
CA LEU A 64 -7.51 19.50 3.58
C LEU A 64 -6.38 19.02 2.72
N SER A 65 -5.16 19.40 3.09
CA SER A 65 -3.98 19.01 2.36
C SER A 65 -3.81 17.49 2.31
N MET A 66 -4.03 16.85 3.44
CA MET A 66 -3.91 15.40 3.47
C MET A 66 -5.02 14.81 2.66
N PHE A 67 -6.13 15.54 2.61
CA PHE A 67 -7.27 15.06 1.87
C PHE A 67 -6.92 14.90 0.40
N PHE A 68 -6.11 15.81 -0.11
CA PHE A 68 -5.74 15.72 -1.50
C PHE A 68 -4.45 14.94 -1.72
N GLY A 69 -3.86 14.48 -0.62
CA GLY A 69 -2.64 13.71 -0.73
C GLY A 69 -1.40 14.57 -0.73
N ILE A 70 -1.54 15.78 -0.21
CA ILE A 70 -0.43 16.71 -0.16
C ILE A 70 0.63 16.31 0.87
N GLY A 71 0.25 16.21 2.13
CA GLY A 71 1.23 15.85 3.15
C GLY A 71 1.49 14.35 3.26
N LEU A 72 1.44 13.65 2.13
CA LEU A 72 1.63 12.21 2.13
C LEU A 72 2.92 11.71 1.45
N THR A 73 3.81 11.11 2.23
CA THR A 73 5.06 10.57 1.72
C THR A 73 5.06 9.05 1.85
N GLU A 74 5.97 8.40 1.13
CA GLU A 74 6.09 6.96 1.21
C GLU A 74 7.39 6.66 1.97
N VAL A 75 7.28 6.11 3.18
CA VAL A 75 8.47 5.78 3.95
C VAL A 75 8.73 4.31 3.72
N GLN A 76 9.96 3.98 3.32
CA GLN A 76 10.32 2.59 3.06
C GLN A 76 10.89 1.97 4.29
N VAL A 77 10.31 0.85 4.68
CA VAL A 77 10.81 0.15 5.85
C VAL A 77 10.84 -1.31 5.49
N GLY A 78 12.02 -1.79 5.12
CA GLY A 78 12.15 -3.18 4.75
C GLY A 78 11.38 -3.43 3.47
N SER A 79 10.85 -4.63 3.34
CA SER A 79 10.12 -5.00 2.15
C SER A 79 8.74 -4.34 2.02
N GLU A 80 8.36 -3.52 3.00
CA GLU A 80 7.04 -2.84 2.97
C GLU A 80 7.14 -1.33 2.77
N MET A 81 6.09 -0.77 2.18
CA MET A 81 6.01 0.66 1.93
C MET A 81 4.88 1.26 2.74
N LEU A 82 5.24 2.17 3.64
CA LEU A 82 4.27 2.81 4.51
C LEU A 82 3.82 4.20 4.04
N ASP A 83 2.50 4.40 3.96
CA ASP A 83 1.95 5.69 3.57
C ASP A 83 1.93 6.56 4.83
N ILE A 84 3.00 7.29 5.03
CA ILE A 84 3.14 8.15 6.19
C ILE A 84 2.61 9.55 5.92
N TYR A 85 1.53 9.94 6.56
CA TYR A 85 1.01 11.31 6.38
C TYR A 85 1.89 12.25 7.23
N TYR A 86 2.76 13.05 6.61
CA TYR A 86 3.60 13.92 7.41
C TYR A 86 2.97 15.27 7.75
N ALA A 87 1.84 15.55 7.12
CA ALA A 87 1.15 16.80 7.39
C ALA A 87 0.82 16.89 8.88
N ARG A 88 0.26 15.81 9.41
CA ARG A 88 -0.10 15.77 10.81
C ARG A 88 0.95 16.39 11.70
N TYR A 89 2.23 16.04 11.48
CA TYR A 89 3.32 16.57 12.31
C TYR A 89 3.45 18.09 12.19
N ALA A 90 3.40 18.58 10.95
CA ALA A 90 3.47 20.01 10.71
C ALA A 90 2.32 20.67 11.49
N ASP A 91 1.14 20.05 11.40
CA ASP A 91 -0.08 20.49 12.07
C ASP A 91 0.07 20.51 13.59
N TRP A 92 0.57 19.41 14.17
CA TRP A 92 0.74 19.34 15.62
C TRP A 92 1.89 20.25 16.09
N LEU A 93 2.91 20.37 15.25
CA LEU A 93 4.05 21.23 15.57
C LEU A 93 3.58 22.64 15.89
N PHE A 94 2.45 23.02 15.32
CA PHE A 94 1.92 24.34 15.56
C PHE A 94 0.72 24.33 16.51
N THR A 95 -0.21 23.42 16.30
CA THR A 95 -1.38 23.37 17.16
C THR A 95 -1.12 23.04 18.61
N THR A 96 -0.23 22.08 18.90
CA THR A 96 0.02 21.71 20.31
C THR A 96 0.73 22.80 21.10
N PRO A 97 1.67 23.51 20.48
CA PRO A 97 2.30 24.55 21.29
C PRO A 97 1.17 25.48 21.68
N LEU A 98 0.39 25.88 20.67
CA LEU A 98 -0.74 26.78 20.87
C LEU A 98 -1.64 26.25 21.97
N LEU A 99 -2.29 25.13 21.69
CA LEU A 99 -3.18 24.49 22.63
C LEU A 99 -2.56 24.52 24.02
N LEU A 100 -1.25 24.33 24.06
CA LEU A 100 -0.47 24.27 25.30
C LEU A 100 -0.40 25.66 25.94
N LEU A 101 0.01 26.64 25.13
CA LEU A 101 0.12 28.02 25.55
C LEU A 101 -1.23 28.52 26.10
N ASP A 102 -2.31 27.96 25.59
CA ASP A 102 -3.63 28.36 26.07
C ASP A 102 -3.73 28.10 27.56
N LEU A 103 -3.24 26.94 27.99
CA LEU A 103 -3.27 26.57 29.40
C LEU A 103 -2.28 27.39 30.24
N ALA A 104 -1.10 27.65 29.69
CA ALA A 104 -0.06 28.43 30.37
C ALA A 104 -0.55 29.85 30.63
N LEU A 105 -1.44 30.33 29.76
CA LEU A 105 -1.98 31.66 29.89
C LEU A 105 -3.01 31.58 31.00
N LEU A 106 -3.69 30.45 31.04
CA LEU A 106 -4.71 30.20 32.01
C LEU A 106 -4.09 30.01 33.38
N ALA A 107 -2.77 30.01 33.43
CA ALA A 107 -2.09 29.83 34.70
C ALA A 107 -1.20 31.02 34.96
N LYS A 108 -0.81 31.69 33.88
CA LYS A 108 0.04 32.87 33.96
C LYS A 108 1.38 32.51 34.60
N VAL A 109 2.33 32.11 33.77
CA VAL A 109 3.66 31.74 34.24
C VAL A 109 4.73 32.37 33.36
N ASP A 110 5.90 32.60 33.95
CA ASP A 110 7.01 33.22 33.22
C ASP A 110 7.36 32.52 31.92
N ARG A 111 7.96 33.28 31.00
CA ARG A 111 8.35 32.76 29.70
C ARG A 111 9.31 31.60 29.84
N VAL A 112 10.06 31.58 30.93
CA VAL A 112 11.04 30.53 31.16
C VAL A 112 10.31 29.19 31.24
N SER A 113 9.04 29.24 31.63
CA SER A 113 8.23 28.03 31.76
C SER A 113 7.66 27.66 30.39
N ILE A 114 6.97 28.61 29.79
CA ILE A 114 6.36 28.42 28.49
C ILE A 114 7.44 28.02 27.50
N GLY A 115 8.52 28.78 27.47
CA GLY A 115 9.64 28.51 26.57
C GLY A 115 10.33 27.19 26.85
N THR A 116 9.78 26.47 27.84
CA THR A 116 10.29 25.18 28.23
C THR A 116 9.22 24.19 27.84
N LEU A 117 7.99 24.51 28.25
CA LEU A 117 6.83 23.69 27.96
C LEU A 117 6.74 23.42 26.46
N VAL A 118 6.73 24.49 25.69
CA VAL A 118 6.64 24.37 24.25
C VAL A 118 7.90 23.70 23.74
N GLY A 119 9.04 24.20 24.17
CA GLY A 119 10.32 23.65 23.75
C GLY A 119 10.33 22.13 23.77
N VAL A 120 9.81 21.56 24.85
CA VAL A 120 9.73 20.13 24.99
C VAL A 120 8.68 19.60 23.99
N ASP A 121 7.44 20.05 24.16
CA ASP A 121 6.35 19.64 23.31
C ASP A 121 6.71 19.75 21.82
N ALA A 122 7.58 20.71 21.50
CA ALA A 122 8.01 20.91 20.13
C ALA A 122 8.97 19.81 19.76
N LEU A 123 9.79 19.43 20.72
CA LEU A 123 10.77 18.37 20.50
C LEU A 123 9.98 17.09 20.39
N MET A 124 8.85 17.05 21.10
CA MET A 124 8.00 15.88 21.11
C MET A 124 7.51 15.58 19.72
N ILE A 125 7.09 16.60 19.02
CA ILE A 125 6.59 16.40 17.69
C ILE A 125 7.69 16.13 16.69
N VAL A 126 8.67 17.03 16.59
CA VAL A 126 9.74 16.83 15.62
C VAL A 126 10.37 15.45 15.72
N THR A 127 10.45 14.89 16.93
CA THR A 127 11.03 13.57 17.07
C THR A 127 10.07 12.53 16.51
N GLY A 128 8.80 12.66 16.89
CA GLY A 128 7.81 11.72 16.39
C GLY A 128 7.84 11.71 14.87
N LEU A 129 8.23 12.83 14.27
CA LEU A 129 8.31 12.92 12.83
C LEU A 129 9.52 12.15 12.36
N VAL A 130 10.61 12.25 13.10
CA VAL A 130 11.84 11.55 12.75
C VAL A 130 11.58 10.04 12.79
N GLY A 131 10.64 9.66 13.64
CA GLY A 131 10.29 8.25 13.75
C GLY A 131 9.51 7.86 12.51
N ALA A 132 8.53 8.69 12.18
CA ALA A 132 7.68 8.46 11.02
C ALA A 132 8.47 8.17 9.76
N LEU A 133 9.56 8.90 9.55
CA LEU A 133 10.38 8.74 8.34
C LEU A 133 11.61 7.84 8.50
N SER A 134 11.69 7.11 9.61
CA SER A 134 12.83 6.20 9.87
C SER A 134 12.70 4.92 9.07
N HIS A 135 13.84 4.36 8.65
CA HIS A 135 13.80 3.15 7.85
C HIS A 135 14.06 1.85 8.62
N THR A 136 14.44 1.99 9.88
CA THR A 136 14.72 0.80 10.68
C THR A 136 13.66 0.63 11.75
N PRO A 137 13.00 -0.54 11.76
CA PRO A 137 11.95 -0.84 12.74
C PRO A 137 12.41 -0.60 14.16
N LEU A 138 13.71 -0.66 14.38
CA LEU A 138 14.25 -0.43 15.72
C LEU A 138 14.28 1.08 15.96
N ALA A 139 14.77 1.80 14.96
CA ALA A 139 14.85 3.25 15.02
C ALA A 139 13.47 3.86 15.27
N ARG A 140 12.54 3.56 14.37
CA ARG A 140 11.19 4.05 14.48
C ARG A 140 10.76 3.97 15.93
N TYR A 141 10.80 2.75 16.47
CA TYR A 141 10.44 2.49 17.85
C TYR A 141 11.26 3.34 18.82
N THR A 142 12.55 3.45 18.55
CA THR A 142 13.40 4.23 19.42
C THR A 142 12.81 5.63 19.50
N TRP A 143 12.83 6.34 18.38
CA TRP A 143 12.30 7.69 18.37
C TRP A 143 10.89 7.81 18.95
N TRP A 144 10.07 6.79 18.72
CA TRP A 144 8.72 6.82 19.27
C TRP A 144 8.80 6.86 20.78
N LEU A 145 9.75 6.13 21.34
CA LEU A 145 9.95 6.09 22.78
C LEU A 145 10.37 7.47 23.28
N PHE A 146 11.34 8.06 22.59
CA PHE A 146 11.84 9.37 22.98
C PHE A 146 10.68 10.35 23.03
N SER A 147 10.01 10.46 21.89
CA SER A 147 8.88 11.35 21.73
C SER A 147 7.83 11.08 22.83
N THR A 148 7.77 9.83 23.29
CA THR A 148 6.83 9.46 24.34
C THR A 148 7.29 10.02 25.66
N ILE A 149 8.58 9.91 25.95
CA ILE A 149 9.10 10.45 27.20
C ILE A 149 8.80 11.94 27.27
N CYS A 150 9.13 12.65 26.20
CA CYS A 150 8.86 14.08 26.14
C CYS A 150 7.41 14.34 26.47
N MET A 151 6.52 13.61 25.82
CA MET A 151 5.09 13.78 26.05
C MET A 151 4.77 13.59 27.53
N ILE A 152 5.69 12.96 28.27
CA ILE A 152 5.48 12.76 29.69
C ILE A 152 6.00 13.98 30.41
N VAL A 153 7.14 14.48 29.95
CA VAL A 153 7.73 15.67 30.56
C VAL A 153 6.67 16.77 30.43
N VAL A 154 6.10 16.91 29.24
CA VAL A 154 5.07 17.92 29.00
C VAL A 154 3.90 17.72 29.94
N LEU A 155 3.32 16.52 29.89
CA LEU A 155 2.19 16.21 30.75
C LEU A 155 2.60 16.34 32.21
N TYR A 156 3.89 16.16 32.49
CA TYR A 156 4.41 16.27 33.85
C TYR A 156 4.17 17.67 34.37
N PHE A 157 4.83 18.62 33.75
CA PHE A 157 4.71 20.02 34.13
C PHE A 157 3.25 20.44 34.23
N LEU A 158 2.47 20.13 33.19
CA LEU A 158 1.06 20.50 33.18
C LEU A 158 0.27 20.06 34.40
N ALA A 159 0.70 18.98 35.06
CA ALA A 159 -0.02 18.48 36.22
C ALA A 159 0.57 18.88 37.57
N THR A 160 1.76 19.46 37.56
CA THR A 160 2.41 19.89 38.78
C THR A 160 2.66 21.37 38.75
N SER A 161 3.79 21.74 38.18
CA SER A 161 4.19 23.14 38.09
C SER A 161 3.09 24.11 37.63
N LEU A 162 2.24 23.70 36.69
CA LEU A 162 1.18 24.57 36.21
C LEU A 162 -0.13 24.29 36.88
N ARG A 163 -0.41 23.02 37.16
CA ARG A 163 -1.65 22.61 37.80
C ARG A 163 -1.87 23.44 39.06
N ALA A 164 -0.79 23.60 39.83
CA ALA A 164 -0.82 24.36 41.08
C ALA A 164 -0.77 25.86 40.83
N ALA A 165 0.12 26.29 39.93
CA ALA A 165 0.27 27.70 39.63
C ALA A 165 -1.07 28.24 39.12
N ALA A 166 -1.98 27.34 38.80
CA ALA A 166 -3.29 27.74 38.30
C ALA A 166 -4.34 27.48 39.36
N LYS A 167 -3.90 27.04 40.54
CA LYS A 167 -4.83 26.82 41.63
C LYS A 167 -4.69 28.00 42.58
N GLU A 168 -3.54 28.68 42.47
CA GLU A 168 -3.30 29.85 43.31
C GLU A 168 -4.15 30.98 42.77
N ARG A 169 -4.61 30.84 41.54
CA ARG A 169 -5.46 31.86 40.93
C ARG A 169 -6.90 31.49 41.30
N GLY A 170 -7.87 32.11 40.64
CA GLY A 170 -9.28 31.84 40.95
C GLY A 170 -9.75 30.40 40.86
N PRO A 171 -10.64 29.95 41.76
CA PRO A 171 -11.06 28.55 41.80
C PRO A 171 -11.86 28.31 40.53
N GLU A 172 -12.22 29.34 39.84
CA GLU A 172 -12.94 29.12 38.61
C GLU A 172 -11.95 28.97 37.47
N VAL A 173 -10.74 29.59 37.61
CA VAL A 173 -9.69 29.40 36.60
C VAL A 173 -9.13 28.00 36.82
N ALA A 174 -9.06 27.59 38.09
CA ALA A 174 -8.55 26.27 38.41
C ALA A 174 -9.59 25.26 37.93
N SER A 175 -10.83 25.44 38.36
CA SER A 175 -11.91 24.52 38.00
C SER A 175 -11.96 24.21 36.50
N THR A 176 -11.61 25.19 35.66
CA THR A 176 -11.60 24.96 34.22
C THR A 176 -10.24 24.48 33.76
N PHE A 177 -9.15 25.09 34.27
CA PHE A 177 -7.81 24.65 33.87
C PHE A 177 -7.64 23.18 34.18
N ASN A 178 -8.03 22.80 35.38
CA ASN A 178 -7.91 21.42 35.76
C ASN A 178 -8.78 20.58 34.83
N THR A 179 -9.86 21.15 34.31
CA THR A 179 -10.74 20.39 33.42
C THR A 179 -10.15 20.27 32.03
N LEU A 180 -9.33 21.24 31.62
CA LEU A 180 -8.70 21.18 30.31
C LEU A 180 -7.47 20.27 30.36
N THR A 181 -6.77 20.29 31.49
CA THR A 181 -5.58 19.45 31.67
C THR A 181 -5.93 18.00 31.99
N ALA A 182 -7.22 17.72 32.17
CA ALA A 182 -7.68 16.36 32.45
C ALA A 182 -7.86 15.68 31.09
N LEU A 183 -8.66 16.33 30.25
CA LEU A 183 -8.95 15.88 28.89
C LEU A 183 -7.69 15.87 28.04
N VAL A 184 -6.76 16.80 28.32
CA VAL A 184 -5.52 16.88 27.54
C VAL A 184 -4.63 15.68 27.79
N LEU A 185 -4.70 15.15 29.00
CA LEU A 185 -3.90 14.01 29.43
C LEU A 185 -4.50 12.67 29.01
N VAL A 186 -5.81 12.68 28.77
CA VAL A 186 -6.52 11.49 28.36
C VAL A 186 -6.39 11.37 26.85
N LEU A 187 -6.63 12.47 26.14
CA LEU A 187 -6.55 12.45 24.69
C LEU A 187 -5.14 12.35 24.17
N TRP A 188 -4.26 13.23 24.63
CA TRP A 188 -2.88 13.22 24.17
C TRP A 188 -2.22 11.85 24.33
N THR A 189 -2.36 11.26 25.51
CA THR A 189 -1.77 9.96 25.79
C THR A 189 -2.19 8.92 24.77
N ALA A 190 -3.39 9.05 24.23
CA ALA A 190 -3.85 8.07 23.24
C ALA A 190 -3.13 8.18 21.90
N TYR A 191 -2.33 9.21 21.69
CA TYR A 191 -1.68 9.31 20.41
C TYR A 191 -0.56 8.31 20.20
N PRO A 192 0.48 8.34 21.05
CA PRO A 192 1.60 7.40 20.91
C PRO A 192 1.21 5.93 20.85
N ILE A 193 0.04 5.61 21.40
CA ILE A 193 -0.44 4.26 21.38
C ILE A 193 -1.02 3.97 20.00
N LEU A 194 -1.86 4.88 19.53
CA LEU A 194 -2.48 4.72 18.23
C LEU A 194 -1.39 4.57 17.21
N TRP A 195 -0.35 5.39 17.35
CA TRP A 195 0.80 5.41 16.45
C TRP A 195 1.46 4.06 16.39
N ILE A 196 1.76 3.54 17.58
CA ILE A 196 2.44 2.27 17.72
C ILE A 196 1.72 1.03 17.20
N ILE A 197 0.41 1.08 17.06
CA ILE A 197 -0.29 -0.09 16.56
C ILE A 197 -0.78 0.14 15.15
N GLY A 198 -0.81 1.41 14.76
CA GLY A 198 -1.24 1.81 13.43
C GLY A 198 -0.09 1.64 12.46
N THR A 199 -0.29 1.97 11.18
CA THR A 199 0.75 1.77 10.17
C THR A 199 2.11 2.43 10.46
N GLU A 200 2.14 3.42 11.34
CA GLU A 200 3.42 4.05 11.66
C GLU A 200 4.27 3.10 12.49
N GLY A 201 3.62 2.17 13.19
CA GLY A 201 4.33 1.20 14.01
C GLY A 201 4.01 -0.25 13.65
N ALA A 202 3.57 -0.99 14.64
CA ALA A 202 3.22 -2.41 14.50
C ALA A 202 2.37 -2.77 13.28
N GLY A 203 1.46 -1.90 12.90
CA GLY A 203 0.64 -2.20 11.74
C GLY A 203 -0.41 -3.26 12.03
N VAL A 204 -0.89 -3.26 13.26
CA VAL A 204 -1.91 -4.21 13.65
C VAL A 204 -3.26 -3.67 13.22
N VAL A 205 -3.33 -2.35 13.08
CA VAL A 205 -4.56 -1.69 12.67
C VAL A 205 -4.34 -0.98 11.34
N GLY A 206 -5.36 -1.04 10.48
CA GLY A 206 -5.27 -0.42 9.17
C GLY A 206 -5.26 1.10 9.23
N LEU A 207 -4.78 1.73 8.17
CA LEU A 207 -4.72 3.19 8.11
C LEU A 207 -6.11 3.81 8.06
N GLY A 208 -7.08 3.04 7.58
CA GLY A 208 -8.44 3.55 7.51
C GLY A 208 -8.95 3.86 8.89
N ILE A 209 -8.98 2.86 9.74
CA ILE A 209 -9.44 3.04 11.12
C ILE A 209 -8.59 4.13 11.75
N GLU A 210 -7.29 4.02 11.55
CA GLU A 210 -6.38 4.99 12.12
C GLU A 210 -6.81 6.42 11.83
N THR A 211 -6.83 6.79 10.55
CA THR A 211 -7.21 8.15 10.21
C THR A 211 -8.56 8.52 10.85
N LEU A 212 -9.36 7.51 11.18
CA LEU A 212 -10.64 7.79 11.80
C LEU A 212 -10.41 8.16 13.25
N LEU A 213 -9.83 7.24 14.01
CA LEU A 213 -9.53 7.49 15.41
C LEU A 213 -8.69 8.75 15.55
N PHE A 214 -7.70 8.91 14.70
CA PHE A 214 -6.87 10.10 14.78
C PHE A 214 -7.66 11.37 14.54
N MET A 215 -8.69 11.28 13.71
CA MET A 215 -9.52 12.44 13.39
C MET A 215 -10.40 12.79 14.57
N VAL A 216 -10.90 11.76 15.22
CA VAL A 216 -11.75 11.94 16.38
C VAL A 216 -10.95 12.50 17.53
N LEU A 217 -9.74 11.97 17.74
CA LEU A 217 -8.90 12.47 18.80
C LEU A 217 -8.68 13.94 18.48
N ASP A 218 -8.13 14.20 17.30
CA ASP A 218 -7.88 15.57 16.86
C ASP A 218 -9.05 16.53 17.12
N VAL A 219 -10.18 16.28 16.49
CA VAL A 219 -11.34 17.14 16.65
C VAL A 219 -11.61 17.38 18.13
N THR A 220 -11.60 16.31 18.92
CA THR A 220 -11.87 16.42 20.35
C THR A 220 -10.74 17.15 21.09
N ALA A 221 -9.50 16.84 20.76
CA ALA A 221 -8.36 17.48 21.40
C ALA A 221 -8.29 18.96 21.09
N LYS A 222 -8.94 19.37 20.00
CA LYS A 222 -8.95 20.78 19.56
C LYS A 222 -10.28 21.46 19.75
N VAL A 223 -11.23 21.19 18.84
CA VAL A 223 -12.54 21.80 18.94
C VAL A 223 -13.12 21.62 20.34
N GLY A 224 -13.22 20.37 20.78
CA GLY A 224 -13.73 20.10 22.10
C GLY A 224 -12.98 20.93 23.12
N PHE A 225 -11.65 20.76 23.15
CA PHE A 225 -10.78 21.50 24.08
C PHE A 225 -11.15 22.96 24.08
N GLY A 226 -11.06 23.57 22.91
CA GLY A 226 -11.38 24.98 22.80
C GLY A 226 -12.75 25.33 23.34
N PHE A 227 -13.77 24.73 22.75
CA PHE A 227 -15.13 24.99 23.17
C PHE A 227 -15.31 25.02 24.68
N ILE A 228 -14.59 24.15 25.38
CA ILE A 228 -14.67 24.06 26.83
C ILE A 228 -14.07 25.30 27.46
N LEU A 229 -13.02 25.80 26.81
CA LEU A 229 -12.29 26.98 27.22
C LEU A 229 -13.05 28.26 26.96
N LEU A 230 -13.49 28.45 25.73
CA LEU A 230 -14.21 29.66 25.37
C LEU A 230 -15.55 29.77 26.10
N ARG A 231 -16.19 28.65 26.39
CA ARG A 231 -17.46 28.70 27.10
C ARG A 231 -17.25 29.02 28.57
N SER A 232 -15.99 29.02 29.01
CA SER A 232 -15.67 29.27 30.41
C SER A 232 -15.64 30.74 30.77
N ARG A 233 -15.64 31.00 32.08
CA ARG A 233 -15.59 32.34 32.62
C ARG A 233 -14.13 32.63 32.88
N ALA A 234 -13.40 31.56 33.14
CA ALA A 234 -11.98 31.67 33.45
C ALA A 234 -11.19 32.54 32.49
N ILE A 235 -11.62 32.60 31.23
CA ILE A 235 -10.90 33.38 30.21
C ILE A 235 -11.21 34.89 30.19
N LEU A 236 -11.85 35.37 31.24
CA LEU A 236 -12.21 36.79 31.35
C LEU A 236 -11.09 37.59 32.03
N THR B 1 -2.74 -2.97 5.70
CA THR B 1 -2.79 -2.04 4.51
C THR B 1 -1.42 -1.43 4.21
N ALA B 2 -0.35 -2.13 4.61
CA ALA B 2 1.02 -1.67 4.35
C ALA B 2 1.50 -2.45 3.13
N ALA B 3 1.68 -1.76 2.00
CA ALA B 3 2.08 -2.40 0.74
C ALA B 3 3.45 -3.07 0.77
N VAL B 4 3.61 -4.13 -0.02
CA VAL B 4 4.90 -4.83 -0.10
C VAL B 4 5.57 -4.50 -1.43
N GLY B 5 6.80 -4.02 -1.35
CA GLY B 5 7.51 -3.63 -2.55
C GLY B 5 8.07 -2.26 -2.27
N ALA B 6 8.50 -1.57 -3.31
CA ALA B 6 9.05 -0.25 -3.14
C ALA B 6 8.70 0.57 -4.36
N ASP B 7 8.64 1.88 -4.18
CA ASP B 7 8.32 2.76 -5.30
C ASP B 7 9.60 3.34 -5.86
N LEU B 8 10.35 2.48 -6.55
CA LEU B 8 11.63 2.82 -7.16
C LEU B 8 11.56 4.06 -8.03
N LEU B 9 10.58 4.08 -8.91
CA LEU B 9 10.42 5.20 -9.80
C LEU B 9 9.87 6.44 -9.09
N GLY B 10 8.90 6.24 -8.21
CA GLY B 10 8.28 7.36 -7.51
C GLY B 10 6.91 7.62 -8.12
N ASP B 11 6.50 6.68 -8.98
CA ASP B 11 5.23 6.69 -9.71
C ASP B 11 4.06 6.24 -8.86
N GLY B 12 4.19 6.29 -7.55
CA GLY B 12 3.11 5.84 -6.70
C GLY B 12 3.11 4.32 -6.54
N ARG B 13 3.19 3.59 -7.65
CA ARG B 13 3.19 2.11 -7.66
C ARG B 13 4.35 1.49 -6.93
N PRO B 14 4.08 0.76 -5.84
CA PRO B 14 5.16 0.14 -5.10
C PRO B 14 5.52 -1.22 -5.68
N GLU B 15 4.79 -1.66 -6.71
CA GLU B 15 5.09 -2.97 -7.26
C GLU B 15 6.29 -2.93 -8.19
N THR B 16 6.68 -1.73 -8.61
CA THR B 16 7.82 -1.60 -9.51
C THR B 16 9.01 -2.39 -8.95
N LEU B 17 9.06 -2.56 -7.63
CA LEU B 17 10.17 -3.30 -7.06
C LEU B 17 10.13 -4.71 -7.61
N TRP B 18 8.98 -5.35 -7.44
CA TRP B 18 8.81 -6.71 -7.90
C TRP B 18 8.88 -6.75 -9.40
N LEU B 19 8.25 -5.79 -10.05
CA LEU B 19 8.26 -5.71 -11.51
C LEU B 19 9.71 -5.55 -11.97
N GLY B 20 10.50 -4.82 -11.19
CA GLY B 20 11.90 -4.63 -11.52
C GLY B 20 12.60 -5.98 -11.48
N ILE B 21 12.63 -6.62 -10.30
CA ILE B 21 13.29 -7.90 -10.16
C ILE B 21 12.90 -8.88 -11.25
N GLY B 22 11.61 -8.93 -11.56
CA GLY B 22 11.16 -9.82 -12.62
C GLY B 22 11.90 -9.54 -13.94
N THR B 23 12.13 -8.27 -14.24
CA THR B 23 12.83 -7.93 -15.46
C THR B 23 14.25 -8.52 -15.44
N LEU B 24 14.97 -8.26 -14.34
CA LEU B 24 16.33 -8.74 -14.21
C LEU B 24 16.37 -10.25 -14.38
N LEU B 25 15.53 -10.95 -13.64
CA LEU B 25 15.49 -12.42 -13.73
C LEU B 25 15.14 -12.90 -15.13
N MET B 26 14.18 -12.25 -15.76
CA MET B 26 13.78 -12.68 -17.08
C MET B 26 14.96 -12.50 -18.03
N LEU B 27 15.60 -11.34 -17.99
CA LEU B 27 16.75 -11.06 -18.86
C LEU B 27 17.79 -12.12 -18.66
N ILE B 28 18.32 -12.22 -17.44
CA ILE B 28 19.33 -13.21 -17.12
C ILE B 28 19.01 -14.61 -17.65
N GLY B 29 17.86 -15.14 -17.28
CA GLY B 29 17.52 -16.46 -17.79
C GLY B 29 17.64 -16.45 -19.29
N THR B 30 17.14 -15.39 -19.90
CA THR B 30 17.18 -15.23 -21.36
C THR B 30 18.62 -15.34 -21.83
N PHE B 31 19.47 -14.45 -21.35
CA PHE B 31 20.88 -14.47 -21.70
C PHE B 31 21.45 -15.89 -21.47
N TYR B 32 21.30 -16.38 -20.26
CA TYR B 32 21.78 -17.72 -19.85
C TYR B 32 21.40 -18.79 -20.84
N PHE B 33 20.25 -18.64 -21.47
CA PHE B 33 19.83 -19.62 -22.45
C PHE B 33 20.63 -19.43 -23.71
N ILE B 34 20.82 -18.17 -24.09
CA ILE B 34 21.57 -17.83 -25.28
C ILE B 34 22.99 -18.31 -25.09
N VAL B 35 23.52 -18.15 -23.88
CA VAL B 35 24.88 -18.57 -23.59
C VAL B 35 25.02 -20.07 -23.83
N LYS B 36 24.03 -20.85 -23.43
CA LYS B 36 24.09 -22.30 -23.66
C LYS B 36 23.64 -22.58 -25.10
N GLY B 37 23.34 -21.50 -25.84
CA GLY B 37 22.94 -21.62 -27.23
C GLY B 37 24.17 -21.77 -28.09
N TRP B 38 25.24 -21.10 -27.68
CA TRP B 38 26.52 -21.20 -28.37
C TRP B 38 27.23 -22.42 -27.77
N GLY B 39 26.83 -23.59 -28.22
CA GLY B 39 27.41 -24.82 -27.71
C GLY B 39 26.63 -26.04 -28.17
N VAL B 40 25.59 -25.79 -28.97
CA VAL B 40 24.77 -26.86 -29.50
C VAL B 40 24.95 -26.94 -31.01
N THR B 41 24.59 -28.09 -31.56
CA THR B 41 24.73 -28.32 -32.99
C THR B 41 23.51 -29.09 -33.54
N ASP B 42 23.02 -30.04 -32.75
CA ASP B 42 21.86 -30.87 -33.10
C ASP B 42 20.73 -30.01 -33.65
N LYS B 43 19.98 -30.52 -34.62
CA LYS B 43 18.89 -29.75 -35.20
C LYS B 43 17.62 -29.83 -34.34
N GLU B 44 17.57 -30.81 -33.44
CA GLU B 44 16.43 -30.95 -32.55
C GLU B 44 16.67 -29.96 -31.42
N ALA B 45 17.87 -30.02 -30.86
CA ALA B 45 18.27 -29.13 -29.77
C ALA B 45 18.19 -27.67 -30.18
N ARG B 46 18.80 -27.33 -31.31
CA ARG B 46 18.77 -25.95 -31.77
C ARG B 46 17.34 -25.52 -32.10
N GLU B 47 16.40 -26.44 -31.97
CA GLU B 47 14.99 -26.11 -32.23
C GLU B 47 14.33 -25.79 -30.89
N TYR B 48 14.59 -26.62 -29.89
CA TYR B 48 14.03 -26.40 -28.56
C TYR B 48 14.56 -25.08 -28.07
N TYR B 49 15.88 -24.94 -28.10
CA TYR B 49 16.51 -23.71 -27.66
C TYR B 49 15.84 -22.51 -28.31
N SER B 50 15.55 -22.61 -29.61
CA SER B 50 14.89 -21.52 -30.33
C SER B 50 13.65 -21.05 -29.60
N ILE B 51 12.65 -21.92 -29.52
CA ILE B 51 11.42 -21.60 -28.85
C ILE B 51 11.74 -21.12 -27.44
N THR B 52 12.11 -22.07 -26.60
CA THR B 52 12.44 -21.82 -25.20
C THR B 52 13.21 -20.54 -24.89
N ILE B 53 13.79 -19.89 -25.89
CA ILE B 53 14.55 -18.69 -25.60
C ILE B 53 13.72 -17.44 -25.81
N LEU B 54 12.74 -17.53 -26.68
CA LEU B 54 11.89 -16.38 -26.95
C LEU B 54 11.00 -16.11 -25.74
N VAL B 55 10.65 -17.19 -25.04
CA VAL B 55 9.80 -17.09 -23.89
C VAL B 55 10.40 -16.13 -22.87
N PRO B 56 11.53 -16.51 -22.26
CA PRO B 56 12.08 -15.62 -21.25
C PRO B 56 12.40 -14.26 -21.87
N GLY B 57 12.55 -14.23 -23.18
CA GLY B 57 12.83 -12.97 -23.83
C GLY B 57 11.62 -12.07 -23.85
N ILE B 58 10.58 -12.51 -24.55
CA ILE B 58 9.34 -11.74 -24.67
C ILE B 58 8.88 -11.29 -23.30
N ALA B 59 9.15 -12.12 -22.31
CA ALA B 59 8.78 -11.82 -20.94
C ALA B 59 9.49 -10.53 -20.53
N SER B 60 10.81 -10.56 -20.73
CA SER B 60 11.68 -9.43 -20.40
C SER B 60 11.14 -8.18 -21.04
N ALA B 61 10.64 -8.34 -22.25
CA ALA B 61 10.11 -7.20 -22.96
C ALA B 61 8.87 -6.70 -22.25
N ALA B 62 8.03 -7.63 -21.82
CA ALA B 62 6.79 -7.28 -21.14
C ALA B 62 7.10 -6.68 -19.79
N TYR B 63 8.01 -7.31 -19.04
CA TYR B 63 8.33 -6.79 -17.73
C TYR B 63 8.99 -5.41 -17.73
N LEU B 64 9.70 -5.06 -18.79
CA LEU B 64 10.34 -3.77 -18.83
C LEU B 64 9.23 -2.73 -18.95
N SER B 65 8.30 -2.98 -19.85
CA SER B 65 7.18 -2.07 -20.07
C SER B 65 6.44 -1.76 -18.76
N MET B 66 5.98 -2.80 -18.10
CA MET B 66 5.27 -2.62 -16.86
C MET B 66 6.10 -1.85 -15.86
N PHE B 67 7.41 -2.09 -15.83
CA PHE B 67 8.24 -1.39 -14.87
C PHE B 67 8.11 0.11 -15.10
N PHE B 68 8.24 0.53 -16.34
CA PHE B 68 8.13 1.95 -16.67
C PHE B 68 6.68 2.36 -16.86
N GLY B 69 5.78 1.50 -16.42
CA GLY B 69 4.38 1.81 -16.55
C GLY B 69 3.95 2.00 -17.99
N ILE B 70 4.27 1.04 -18.83
CA ILE B 70 3.87 1.15 -20.22
C ILE B 70 2.54 0.43 -20.39
N GLY B 71 2.49 -0.84 -20.02
CA GLY B 71 1.25 -1.60 -20.14
C GLY B 71 0.29 -1.44 -18.96
N LEU B 72 -0.04 -0.20 -18.64
CA LEU B 72 -0.92 0.09 -17.52
C LEU B 72 -2.09 0.92 -17.98
N THR B 73 -3.21 0.75 -17.28
CA THR B 73 -4.44 1.46 -17.58
C THR B 73 -5.44 1.26 -16.45
N GLU B 74 -6.52 2.03 -16.47
CA GLU B 74 -7.55 1.93 -15.45
C GLU B 74 -8.81 1.34 -16.07
N VAL B 75 -9.63 0.68 -15.26
CA VAL B 75 -10.87 0.11 -15.74
C VAL B 75 -11.97 0.43 -14.73
N GLN B 76 -12.77 1.45 -15.03
CA GLN B 76 -13.85 1.83 -14.13
C GLN B 76 -14.84 0.68 -14.02
N VAL B 77 -14.97 0.13 -12.83
CA VAL B 77 -15.91 -0.96 -12.60
C VAL B 77 -16.70 -0.66 -11.33
N GLY B 78 -18.02 -0.59 -11.48
CA GLY B 78 -18.86 -0.28 -10.35
C GLY B 78 -18.66 1.16 -9.95
N SER B 79 -17.66 1.41 -9.11
CA SER B 79 -17.36 2.76 -8.63
C SER B 79 -15.85 3.01 -8.48
N GLU B 80 -15.08 1.93 -8.43
CA GLU B 80 -13.62 2.00 -8.28
C GLU B 80 -12.92 1.95 -9.63
N MET B 81 -11.62 2.22 -9.60
CA MET B 81 -10.81 2.21 -10.81
C MET B 81 -9.67 1.24 -10.63
N LEU B 82 -9.87 0.04 -11.15
CA LEU B 82 -8.89 -1.04 -11.05
C LEU B 82 -7.69 -0.84 -11.97
N ASP B 83 -6.51 -0.92 -11.40
CA ASP B 83 -5.26 -0.78 -12.15
C ASP B 83 -5.08 -2.09 -12.92
N ILE B 84 -5.04 -2.00 -14.24
CA ILE B 84 -4.88 -3.18 -15.05
C ILE B 84 -3.64 -3.14 -15.90
N TYR B 85 -2.76 -4.12 -15.69
CA TYR B 85 -1.54 -4.22 -16.45
C TYR B 85 -1.87 -5.12 -17.64
N TYR B 86 -1.99 -4.55 -18.83
CA TYR B 86 -2.31 -5.41 -19.95
C TYR B 86 -1.07 -6.09 -20.54
N ALA B 87 0.07 -5.44 -20.43
CA ALA B 87 1.29 -6.03 -20.95
C ALA B 87 1.32 -7.52 -20.61
N ARG B 88 0.79 -7.87 -19.44
CA ARG B 88 0.77 -9.25 -18.98
C ARG B 88 0.16 -10.21 -19.98
N TYR B 89 -1.00 -9.83 -20.51
CA TYR B 89 -1.68 -10.68 -21.45
C TYR B 89 -0.94 -10.78 -22.79
N ALA B 90 -0.30 -9.69 -23.19
CA ALA B 90 0.47 -9.72 -24.43
C ALA B 90 1.61 -10.68 -24.12
N ASP B 91 2.29 -10.46 -23.02
CA ASP B 91 3.40 -11.33 -22.61
C ASP B 91 2.93 -12.76 -22.77
N TRP B 92 1.85 -13.09 -22.05
CA TRP B 92 1.28 -14.42 -22.02
C TRP B 92 0.72 -14.91 -23.36
N LEU B 93 0.18 -13.98 -24.13
CA LEU B 93 -0.40 -14.29 -25.43
C LEU B 93 0.56 -15.14 -26.24
N PHE B 94 1.84 -14.84 -26.13
CA PHE B 94 2.86 -15.56 -26.86
C PHE B 94 3.67 -16.56 -26.05
N THR B 95 4.05 -16.18 -24.83
CA THR B 95 4.88 -17.03 -23.97
C THR B 95 4.30 -18.38 -23.55
N THR B 96 2.98 -18.53 -23.63
CA THR B 96 2.37 -19.82 -23.28
C THR B 96 2.40 -20.71 -24.51
N PRO B 97 1.89 -20.21 -25.66
CA PRO B 97 1.84 -21.03 -26.85
C PRO B 97 3.19 -21.69 -27.04
N LEU B 98 4.23 -20.86 -27.00
CA LEU B 98 5.60 -21.32 -27.15
C LEU B 98 5.94 -22.32 -26.08
N LEU B 99 5.73 -21.92 -24.83
CA LEU B 99 6.04 -22.78 -23.71
C LEU B 99 5.35 -24.11 -23.88
N LEU B 100 4.17 -24.06 -24.48
CA LEU B 100 3.32 -25.22 -24.75
C LEU B 100 3.92 -26.02 -25.90
N LEU B 101 4.32 -25.29 -26.94
CA LEU B 101 4.92 -25.87 -28.13
C LEU B 101 6.04 -26.83 -27.74
N ASP B 102 6.90 -26.39 -26.83
CA ASP B 102 8.02 -27.20 -26.36
C ASP B 102 7.55 -28.60 -25.95
N LEU B 103 6.42 -28.67 -25.29
CA LEU B 103 5.90 -29.95 -24.85
C LEU B 103 5.44 -30.72 -26.07
N ALA B 104 4.67 -30.04 -26.90
CA ALA B 104 4.14 -30.62 -28.13
C ALA B 104 5.27 -31.19 -28.99
N LEU B 105 6.26 -30.36 -29.29
CA LEU B 105 7.40 -30.78 -30.09
C LEU B 105 8.17 -31.86 -29.35
N LEU B 106 8.02 -31.87 -28.03
CA LEU B 106 8.68 -32.84 -27.18
C LEU B 106 7.92 -34.16 -27.21
N ALA B 107 6.63 -34.07 -27.52
CA ALA B 107 5.76 -35.23 -27.58
C ALA B 107 5.58 -35.67 -29.02
N LYS B 108 5.96 -34.81 -29.95
CA LYS B 108 5.84 -35.13 -31.36
C LYS B 108 4.38 -35.48 -31.69
N VAL B 109 3.57 -34.45 -31.94
CA VAL B 109 2.16 -34.66 -32.26
C VAL B 109 1.85 -33.94 -33.56
N ASP B 110 0.75 -34.33 -34.21
CA ASP B 110 0.41 -33.69 -35.47
C ASP B 110 0.13 -32.19 -35.38
N ARG B 111 0.39 -31.49 -36.49
CA ARG B 111 0.19 -30.04 -36.57
C ARG B 111 -1.25 -29.68 -36.26
N VAL B 112 -2.17 -30.60 -36.49
CA VAL B 112 -3.57 -30.32 -36.24
C VAL B 112 -3.80 -30.31 -34.72
N SER B 113 -3.01 -31.10 -33.99
CA SER B 113 -3.12 -31.15 -32.54
C SER B 113 -2.52 -29.87 -31.96
N ILE B 114 -1.26 -29.61 -32.29
CA ILE B 114 -0.57 -28.42 -31.84
C ILE B 114 -1.39 -27.20 -32.21
N GLY B 115 -2.03 -27.24 -33.37
CA GLY B 115 -2.84 -26.13 -33.84
C GLY B 115 -4.11 -26.01 -33.03
N THR B 116 -4.35 -26.99 -32.17
CA THR B 116 -5.51 -27.02 -31.31
C THR B 116 -5.06 -26.54 -29.93
N LEU B 117 -3.94 -27.06 -29.45
CA LEU B 117 -3.43 -26.63 -28.16
C LEU B 117 -3.30 -25.12 -28.16
N VAL B 118 -2.62 -24.60 -29.17
CA VAL B 118 -2.40 -23.17 -29.28
C VAL B 118 -3.66 -22.36 -29.55
N GLY B 119 -4.63 -22.96 -30.22
CA GLY B 119 -5.86 -22.23 -30.48
C GLY B 119 -6.59 -21.99 -29.16
N VAL B 120 -6.64 -23.04 -28.34
CA VAL B 120 -7.28 -22.96 -27.03
C VAL B 120 -6.47 -22.05 -26.12
N ASP B 121 -5.23 -22.46 -25.85
CA ASP B 121 -4.32 -21.74 -25.00
C ASP B 121 -4.22 -20.26 -25.35
N ALA B 122 -4.68 -19.90 -26.54
CA ALA B 122 -4.65 -18.49 -26.93
C ALA B 122 -6.00 -17.91 -26.53
N LEU B 123 -7.03 -18.73 -26.70
CA LEU B 123 -8.39 -18.35 -26.37
C LEU B 123 -8.41 -17.95 -24.91
N MET B 124 -7.62 -18.68 -24.12
CA MET B 124 -7.51 -18.44 -22.69
C MET B 124 -6.98 -17.04 -22.37
N ILE B 125 -5.74 -16.81 -22.77
CA ILE B 125 -5.11 -15.54 -22.52
C ILE B 125 -5.96 -14.36 -22.98
N VAL B 126 -6.57 -14.49 -24.15
CA VAL B 126 -7.39 -13.39 -24.67
C VAL B 126 -8.66 -13.18 -23.85
N THR B 127 -9.42 -14.23 -23.62
CA THR B 127 -10.64 -14.11 -22.83
C THR B 127 -10.26 -13.53 -21.49
N GLY B 128 -9.20 -14.06 -20.91
CA GLY B 128 -8.73 -13.55 -19.64
C GLY B 128 -8.54 -12.05 -19.72
N LEU B 129 -7.98 -11.58 -20.83
CA LEU B 129 -7.78 -10.15 -21.00
C LEU B 129 -9.14 -9.49 -20.97
N VAL B 130 -10.09 -10.09 -21.69
CA VAL B 130 -11.47 -9.60 -21.78
C VAL B 130 -11.97 -9.46 -20.34
N GLY B 131 -11.77 -10.52 -19.56
CA GLY B 131 -12.18 -10.50 -18.17
C GLY B 131 -11.65 -9.22 -17.57
N ALA B 132 -10.33 -9.16 -17.41
CA ALA B 132 -9.67 -7.99 -16.84
C ALA B 132 -10.32 -6.67 -17.23
N LEU B 133 -10.81 -6.59 -18.46
CA LEU B 133 -11.41 -5.37 -18.96
C LEU B 133 -12.93 -5.28 -18.82
N SER B 134 -13.59 -6.36 -18.44
CA SER B 134 -15.05 -6.36 -18.30
C SER B 134 -15.49 -5.35 -17.26
N HIS B 135 -16.56 -4.60 -17.57
CA HIS B 135 -17.06 -3.58 -16.66
C HIS B 135 -18.05 -4.09 -15.62
N THR B 136 -18.73 -5.19 -15.95
CA THR B 136 -19.72 -5.79 -15.05
C THR B 136 -19.04 -6.86 -14.18
N PRO B 137 -19.26 -6.82 -12.87
CA PRO B 137 -18.65 -7.74 -11.90
C PRO B 137 -19.00 -9.18 -12.24
N LEU B 138 -20.18 -9.38 -12.78
CA LEU B 138 -20.62 -10.72 -13.16
C LEU B 138 -19.76 -11.13 -14.36
N ALA B 139 -19.74 -10.27 -15.38
CA ALA B 139 -18.96 -10.50 -16.60
C ALA B 139 -17.55 -11.00 -16.29
N ARG B 140 -16.79 -10.20 -15.54
CA ARG B 140 -15.43 -10.54 -15.15
C ARG B 140 -15.38 -11.95 -14.58
N TYR B 141 -16.31 -12.28 -13.68
CA TYR B 141 -16.35 -13.62 -13.11
C TYR B 141 -16.65 -14.63 -14.21
N THR B 142 -17.53 -14.23 -15.13
CA THR B 142 -17.95 -15.05 -16.26
C THR B 142 -16.76 -15.41 -17.13
N TRP B 143 -16.11 -14.38 -17.67
CA TRP B 143 -14.96 -14.57 -18.52
C TRP B 143 -13.92 -15.34 -17.76
N TRP B 144 -13.70 -14.94 -16.51
CA TRP B 144 -12.74 -15.62 -15.64
C TRP B 144 -13.00 -17.13 -15.63
N LEU B 145 -14.26 -17.51 -15.80
CA LEU B 145 -14.64 -18.91 -15.83
C LEU B 145 -14.23 -19.51 -17.17
N PHE B 146 -14.83 -19.02 -18.25
CA PHE B 146 -14.53 -19.53 -19.58
C PHE B 146 -13.04 -19.72 -19.68
N SER B 147 -12.34 -18.62 -19.43
CA SER B 147 -10.89 -18.60 -19.47
C SER B 147 -10.33 -19.80 -18.74
N THR B 148 -10.82 -20.03 -17.54
CA THR B 148 -10.38 -21.16 -16.71
C THR B 148 -10.78 -22.48 -17.34
N ILE B 149 -11.96 -22.52 -17.96
CA ILE B 149 -12.42 -23.73 -18.61
C ILE B 149 -11.29 -24.08 -19.56
N CYS B 150 -11.00 -23.14 -20.45
CA CYS B 150 -9.94 -23.31 -21.42
C CYS B 150 -8.71 -23.87 -20.71
N MET B 151 -8.17 -23.08 -19.81
CA MET B 151 -6.99 -23.49 -19.08
C MET B 151 -7.05 -24.96 -18.71
N ILE B 152 -8.23 -25.44 -18.33
CA ILE B 152 -8.35 -26.83 -17.93
C ILE B 152 -8.24 -27.74 -19.13
N VAL B 153 -8.91 -27.34 -20.21
CA VAL B 153 -8.90 -28.11 -21.45
C VAL B 153 -7.46 -28.29 -21.89
N VAL B 154 -6.72 -27.19 -21.89
CA VAL B 154 -5.31 -27.19 -22.28
C VAL B 154 -4.54 -28.07 -21.33
N LEU B 155 -4.79 -27.90 -20.04
CA LEU B 155 -4.12 -28.71 -19.03
C LEU B 155 -4.58 -30.15 -19.18
N TYR B 156 -5.79 -30.32 -19.70
CA TYR B 156 -6.34 -31.65 -19.90
C TYR B 156 -5.41 -32.35 -20.89
N PHE B 157 -5.48 -31.94 -22.15
CA PHE B 157 -4.66 -32.52 -23.20
C PHE B 157 -3.23 -32.85 -22.76
N LEU B 158 -2.55 -31.89 -22.16
CA LEU B 158 -1.17 -32.10 -21.71
C LEU B 158 -0.99 -33.36 -20.87
N ALA B 159 -1.97 -33.66 -20.04
CA ALA B 159 -1.89 -34.80 -19.16
C ALA B 159 -2.38 -36.11 -19.76
N THR B 160 -3.20 -36.02 -20.80
CA THR B 160 -3.72 -37.24 -21.41
C THR B 160 -3.10 -37.55 -22.75
N SER B 161 -3.67 -36.98 -23.79
CA SER B 161 -3.20 -37.19 -25.15
C SER B 161 -1.67 -37.07 -25.23
N LEU B 162 -1.15 -35.91 -24.84
CA LEU B 162 0.28 -35.65 -24.87
C LEU B 162 1.08 -36.51 -23.92
N ARG B 163 0.60 -36.66 -22.70
CA ARG B 163 1.34 -37.47 -21.72
C ARG B 163 1.59 -38.85 -22.30
N ALA B 164 0.70 -39.27 -23.21
CA ALA B 164 0.79 -40.58 -23.85
C ALA B 164 1.80 -40.70 -24.99
N ALA B 165 1.83 -39.69 -25.86
CA ALA B 165 2.76 -39.68 -26.98
C ALA B 165 4.20 -39.64 -26.49
N ALA B 166 4.43 -38.84 -25.44
CA ALA B 166 5.76 -38.72 -24.87
C ALA B 166 6.08 -39.99 -24.09
N LYS B 167 5.04 -40.73 -23.71
CA LYS B 167 5.23 -41.98 -22.99
C LYS B 167 5.61 -43.04 -24.03
N GLU B 168 4.99 -42.96 -25.20
CA GLU B 168 5.29 -43.91 -26.27
C GLU B 168 6.77 -43.82 -26.58
N ARG B 169 7.30 -42.60 -26.61
CA ARG B 169 8.72 -42.42 -26.87
C ARG B 169 9.49 -42.97 -25.65
N GLY B 170 10.81 -42.86 -25.67
CA GLY B 170 11.61 -43.38 -24.56
C GLY B 170 11.34 -42.74 -23.21
N PRO B 171 11.55 -43.46 -22.10
CA PRO B 171 11.33 -42.94 -20.74
C PRO B 171 12.18 -41.72 -20.36
N GLU B 172 13.09 -41.35 -21.25
CA GLU B 172 13.94 -40.20 -21.02
C GLU B 172 13.17 -38.98 -21.47
N VAL B 173 12.36 -39.16 -22.51
CA VAL B 173 11.50 -38.08 -23.03
C VAL B 173 10.34 -38.00 -22.03
N ALA B 174 9.74 -39.15 -21.78
CA ALA B 174 8.63 -39.23 -20.85
C ALA B 174 8.99 -38.54 -19.55
N SER B 175 9.95 -39.10 -18.80
CA SER B 175 10.37 -38.51 -17.53
C SER B 175 10.39 -36.99 -17.62
N THR B 176 11.18 -36.48 -18.56
CA THR B 176 11.30 -35.06 -18.77
C THR B 176 9.94 -34.47 -19.09
N PHE B 177 9.22 -35.09 -20.02
CA PHE B 177 7.90 -34.59 -20.38
C PHE B 177 7.00 -34.47 -19.17
N ASN B 178 6.81 -35.57 -18.48
CA ASN B 178 5.95 -35.57 -17.30
C ASN B 178 6.40 -34.53 -16.28
N THR B 179 7.70 -34.47 -16.02
CA THR B 179 8.21 -33.50 -15.05
C THR B 179 7.77 -32.10 -15.44
N LEU B 180 8.20 -31.63 -16.61
CA LEU B 180 7.81 -30.30 -17.07
C LEU B 180 6.27 -30.17 -17.03
N THR B 181 5.57 -31.25 -17.34
CA THR B 181 4.09 -31.26 -17.34
C THR B 181 3.54 -31.14 -15.92
N ALA B 182 4.27 -31.67 -14.95
CA ALA B 182 3.85 -31.56 -13.56
C ALA B 182 3.93 -30.07 -13.20
N LEU B 183 5.11 -29.50 -13.43
CA LEU B 183 5.36 -28.11 -13.13
C LEU B 183 4.27 -27.17 -13.66
N VAL B 184 3.89 -27.35 -14.91
CA VAL B 184 2.86 -26.52 -15.53
C VAL B 184 1.53 -26.83 -14.84
N LEU B 185 1.30 -28.12 -14.61
CA LEU B 185 0.07 -28.57 -13.98
C LEU B 185 -0.06 -27.99 -12.59
N VAL B 186 0.92 -27.20 -12.17
CA VAL B 186 0.88 -26.58 -10.85
C VAL B 186 0.89 -25.06 -10.97
N LEU B 187 2.04 -24.52 -11.34
CA LEU B 187 2.21 -23.08 -11.48
C LEU B 187 1.04 -22.53 -12.26
N TRP B 188 0.83 -23.06 -13.46
CA TRP B 188 -0.24 -22.59 -14.32
C TRP B 188 -1.56 -22.43 -13.59
N THR B 189 -2.07 -23.52 -13.02
CA THR B 189 -3.35 -23.50 -12.32
C THR B 189 -3.45 -22.33 -11.35
N ALA B 190 -2.37 -22.07 -10.60
CA ALA B 190 -2.32 -20.99 -9.62
C ALA B 190 -2.65 -19.58 -10.13
N TYR B 191 -2.52 -19.36 -11.44
CA TYR B 191 -2.78 -18.05 -12.01
C TYR B 191 -4.21 -17.56 -11.82
N PRO B 192 -5.20 -18.26 -12.35
CA PRO B 192 -6.60 -17.83 -12.31
C PRO B 192 -6.99 -17.63 -10.87
N ILE B 193 -6.36 -18.39 -9.99
CA ILE B 193 -6.62 -18.28 -8.56
C ILE B 193 -6.19 -16.88 -8.17
N LEU B 194 -4.89 -16.66 -8.24
CA LEU B 194 -4.31 -15.39 -7.89
C LEU B 194 -5.01 -14.26 -8.61
N TRP B 195 -5.53 -14.56 -9.80
CA TRP B 195 -6.22 -13.53 -10.59
C TRP B 195 -7.51 -13.16 -9.90
N ILE B 196 -8.36 -14.15 -9.71
CA ILE B 196 -9.67 -13.96 -9.09
C ILE B 196 -9.71 -13.31 -7.69
N ILE B 197 -8.63 -13.44 -6.93
CA ILE B 197 -8.57 -12.88 -5.59
C ILE B 197 -7.77 -11.60 -5.54
N GLY B 198 -6.97 -11.35 -6.57
CA GLY B 198 -6.14 -10.16 -6.64
C GLY B 198 -6.96 -8.95 -7.03
N THR B 199 -6.33 -7.84 -7.44
CA THR B 199 -7.08 -6.66 -7.80
C THR B 199 -7.93 -6.80 -9.06
N GLU B 200 -7.78 -7.90 -9.79
CA GLU B 200 -8.59 -8.13 -11.01
C GLU B 200 -9.89 -8.82 -10.61
N GLY B 201 -9.88 -9.46 -9.44
CA GLY B 201 -11.04 -10.15 -8.93
C GLY B 201 -11.56 -9.55 -7.64
N ALA B 202 -11.46 -10.32 -6.57
CA ALA B 202 -11.95 -9.92 -5.25
C ALA B 202 -11.27 -8.69 -4.66
N GLY B 203 -9.96 -8.60 -4.79
CA GLY B 203 -9.26 -7.45 -4.24
C GLY B 203 -8.83 -7.76 -2.83
N VAL B 204 -8.92 -9.04 -2.48
CA VAL B 204 -8.54 -9.47 -1.15
C VAL B 204 -7.04 -9.32 -0.94
N VAL B 205 -6.28 -9.32 -2.04
CA VAL B 205 -4.82 -9.20 -1.99
C VAL B 205 -4.32 -7.94 -2.71
N GLY B 206 -3.42 -7.21 -2.03
CA GLY B 206 -2.86 -5.98 -2.59
C GLY B 206 -1.98 -6.18 -3.81
N LEU B 207 -2.00 -5.21 -4.74
CA LEU B 207 -1.21 -5.32 -5.97
C LEU B 207 0.26 -5.70 -5.77
N GLY B 208 0.84 -5.28 -4.65
CA GLY B 208 2.23 -5.59 -4.38
C GLY B 208 2.46 -7.08 -4.25
N ILE B 209 1.71 -7.73 -3.38
CA ILE B 209 1.85 -9.17 -3.18
C ILE B 209 1.59 -9.89 -4.48
N GLU B 210 0.51 -9.49 -5.15
CA GLU B 210 0.11 -10.08 -6.41
C GLU B 210 1.21 -10.04 -7.45
N THR B 211 1.63 -8.83 -7.80
CA THR B 211 2.68 -8.68 -8.77
C THR B 211 3.90 -9.50 -8.36
N LEU B 212 4.23 -9.47 -7.07
CA LEU B 212 5.35 -10.25 -6.56
C LEU B 212 5.10 -11.71 -6.92
N LEU B 213 4.07 -12.27 -6.32
CA LEU B 213 3.73 -13.65 -6.58
C LEU B 213 3.77 -13.89 -8.08
N PHE B 214 2.98 -13.14 -8.82
CA PHE B 214 2.97 -13.32 -10.27
C PHE B 214 4.39 -13.46 -10.85
N MET B 215 5.28 -12.54 -10.50
CA MET B 215 6.65 -12.63 -10.98
C MET B 215 7.32 -13.95 -10.57
N VAL B 216 7.11 -14.38 -9.32
CA VAL B 216 7.70 -15.63 -8.88
C VAL B 216 7.14 -16.77 -9.74
N LEU B 217 5.84 -16.75 -9.97
CA LEU B 217 5.26 -17.77 -10.82
C LEU B 217 5.95 -17.65 -12.17
N ASP B 218 5.76 -16.49 -12.81
CA ASP B 218 6.37 -16.23 -14.12
C ASP B 218 7.80 -16.75 -14.28
N VAL B 219 8.71 -16.29 -13.44
CA VAL B 219 10.09 -16.71 -13.55
C VAL B 219 10.24 -18.23 -13.53
N THR B 220 9.49 -18.85 -12.64
CA THR B 220 9.54 -20.30 -12.49
C THR B 220 8.91 -20.97 -13.68
N ALA B 221 7.74 -20.48 -14.07
CA ALA B 221 7.00 -21.02 -15.19
C ALA B 221 7.79 -20.94 -16.49
N LYS B 222 8.67 -19.94 -16.57
CA LYS B 222 9.48 -19.71 -17.76
C LYS B 222 10.92 -20.17 -17.65
N VAL B 223 11.72 -19.41 -16.91
CA VAL B 223 13.12 -19.77 -16.78
C VAL B 223 13.28 -21.16 -16.20
N GLY B 224 12.59 -21.44 -15.10
CA GLY B 224 12.69 -22.76 -14.49
C GLY B 224 12.25 -23.88 -15.42
N PHE B 225 11.19 -23.62 -16.18
CA PHE B 225 10.66 -24.59 -17.13
C PHE B 225 11.75 -24.95 -18.12
N GLY B 226 12.36 -23.93 -18.70
CA GLY B 226 13.42 -24.14 -19.66
C GLY B 226 14.61 -24.84 -19.04
N PHE B 227 15.07 -24.32 -17.91
CA PHE B 227 16.22 -24.92 -17.24
C PHE B 227 16.03 -26.42 -17.08
N ILE B 228 14.80 -26.86 -16.87
CA ILE B 228 14.55 -28.29 -16.70
C ILE B 228 14.60 -28.89 -18.10
N LEU B 229 13.99 -28.20 -19.06
CA LEU B 229 13.91 -28.64 -20.44
C LEU B 229 15.24 -28.73 -21.18
N LEU B 230 15.91 -27.58 -21.32
CA LEU B 230 17.19 -27.52 -22.03
C LEU B 230 18.30 -28.35 -21.39
N ARG B 231 18.03 -28.92 -20.21
CA ARG B 231 19.00 -29.74 -19.49
C ARG B 231 18.75 -31.22 -19.80
N SER B 232 17.49 -31.55 -20.06
CA SER B 232 17.10 -32.93 -20.37
C SER B 232 17.80 -33.42 -21.62
N ARG B 233 17.86 -34.73 -21.78
CA ARG B 233 18.49 -35.31 -22.96
C ARG B 233 17.40 -35.38 -24.03
N ALA B 234 16.16 -35.24 -23.58
CA ALA B 234 14.99 -35.30 -24.45
C ALA B 234 15.06 -34.32 -25.62
N ILE B 235 15.72 -33.18 -25.40
CA ILE B 235 15.87 -32.17 -26.43
C ILE B 235 16.67 -32.74 -27.60
N LEU B 236 17.48 -33.77 -27.33
CA LEU B 236 18.30 -34.41 -28.35
C LEU B 236 17.51 -35.43 -29.17
C1 RET C . 3.41 11.29 18.13
C2 RET C . 4.48 10.28 17.52
C3 RET C . 4.92 9.16 18.33
C4 RET C . 5.27 9.50 19.79
C5 RET C . 4.30 10.43 20.54
C6 RET C . 3.37 11.31 19.79
C7 RET C . 2.37 12.25 20.61
C8 RET C . 1.47 13.11 20.05
C9 RET C . 0.50 13.92 20.75
C10 RET C . -0.27 14.71 19.97
C11 RET C . -1.32 15.60 20.36
C12 RET C . -1.87 16.27 19.35
C13 RET C . -2.96 17.23 19.44
C14 RET C . -3.32 17.81 18.21
C15 RET C . -4.35 18.82 17.94
C16 RET C . 3.80 12.63 17.42
C17 RET C . 2.13 10.71 17.50
C18 RET C . 4.32 10.42 22.08
C19 RET C . 0.34 13.87 22.28
C20 RET C . -3.62 17.56 20.77
C1 RET D . -5.56 -15.68 -16.57
C2 RET D . -6.89 -14.88 -16.27
C3 RET D . -7.98 -15.55 -15.58
C4 RET D . -8.29 -16.96 -16.08
C5 RET D . -7.10 -17.88 -16.37
C6 RET D . -5.75 -17.33 -16.62
C7 RET D . -4.54 -18.31 -16.91
C8 RET D . -3.26 -17.93 -17.15
C9 RET D . -2.15 -18.82 -17.36
C10 RET D . -0.95 -18.21 -17.56
C11 RET D . 0.33 -18.84 -17.74
C12 RET D . 1.33 -17.99 -17.93
C13 RET D . 2.74 -18.33 -18.12
C14 RET D . 3.55 -17.23 -18.32
C15 RET D . 4.99 -17.17 -18.57
C16 RET D . -5.08 -15.02 -17.90
C17 RET D . -4.67 -15.20 -15.40
C18 RET D . -7.34 -19.40 -16.40
C19 RET D . -2.28 -20.36 -17.30
C20 RET D . 3.25 -19.77 -18.12
#